data_3K02
#
_entry.id   3K02
#
_cell.length_a   72.177
_cell.length_b   72.177
_cell.length_c   160.454
_cell.angle_alpha   90.000
_cell.angle_beta   90.000
_cell.angle_gamma   90.000
#
_symmetry.space_group_name_H-M   'P 41 21 2'
#
loop_
_entity.id
_entity.type
_entity.pdbx_description
1 polymer 'Acarbose/maltose binding protein GacH'
2 non-polymer 4,6-dideoxy-4-{[(1S,2R,3R,4S,5S)-2,3,4-trihydroxy-5-(hydroxymethyl)cyclohexyl]amino}-alpha-D-allopyranosyl-(1->4)-alpha-D-glucopyranosyl-(1->4)-alpha-D-glucopyranosyl-(1->4)-alpha-D-glucopyranose
3 non-polymer 'SULFATE ION'
4 water water
#
_entity_poly.entity_id   1
_entity_poly.type   'polypeptide(L)'
_entity_poly.pdbx_seq_one_letter_code
;MGSSHHHHHHSSGLVPRGSHMELSGTVTFWDTSNEAEKATYQALAEGFEKEHPKVDVKYVNVPFGEANAKFKNAAGGNSG
APDVMRTEVAWVADFASIGYLAPLDGTPALDDGSDHLPQAAASTRYEGKTYAVPQVIDTLALFYNKELLTKAGVEVPGSV
AELKTAAAEITEKTGATGLYLRGDDPYWFLPYLYGEGGDLVDEKNKTVTVDDEAGVRAYRVIKDLVDSKAAITDASDGWN
NMQNAFKSGKVAMMVNGPWAIEDVKAGARFKDAGNLGVAPVPAGSAGQGSPQGGWNLSVYAGSKNLDASYAFVKYMSSAK
VQQQTTEKLSLLPTRTSVYEVPSVADNEMVKFFKPAVDKAVERPWIAEGNALFEPIRLQMANVLSGETSPDEAAANTGDA
YRKLLKDYK
;
_entity_poly.pdbx_strand_id   A
#
loop_
_chem_comp.id
_chem_comp.type
_chem_comp.name
_chem_comp.formula
SO4 non-polymer 'SULFATE ION' 'O4 S -2'
TXT non-polymer 4,6-dideoxy-4-{[(1S,2R,3R,4S,5S)-2,3,4-trihydroxy-5-(hydroxymethyl)cyclohexyl]amino}-alpha-D-allopyranosyl-(1->4)-alpha-D-glucopyranosyl-(1->4)-alpha-D-glucopyranosyl-(1->4)-alpha-D-glucopyranose 'C31 H55 N O23'
#
# COMPACT_ATOMS: atom_id res chain seq x y z
N GLU A 22 31.88 6.63 15.07
CA GLU A 22 31.54 7.98 15.65
C GLU A 22 30.30 8.57 14.99
N LEU A 23 29.16 8.45 15.67
CA LEU A 23 27.93 9.08 15.22
C LEU A 23 27.42 10.08 16.22
N SER A 24 27.06 11.24 15.68
CA SER A 24 26.49 12.32 16.49
C SER A 24 25.63 13.24 15.64
N GLY A 25 24.84 14.08 16.32
CA GLY A 25 24.11 15.14 15.63
C GLY A 25 22.66 14.81 15.37
N THR A 26 22.02 15.65 14.59
CA THR A 26 20.60 15.46 14.31
C THR A 26 20.31 14.53 13.14
N VAL A 27 19.33 13.66 13.34
CA VAL A 27 18.73 12.91 12.24
C VAL A 27 17.21 13.09 12.30
N THR A 28 16.71 13.92 11.38
CA THR A 28 15.29 14.17 11.26
C THR A 28 14.68 13.10 10.35
N PHE A 29 13.67 12.43 10.88
CA PHE A 29 13.01 11.32 10.19
C PHE A 29 11.56 11.68 9.96
N TRP A 30 11.16 11.73 8.68
CA TRP A 30 9.75 11.90 8.32
C TRP A 30 9.12 10.55 8.08
N ASP A 31 8.16 10.24 8.93
CA ASP A 31 7.38 8.98 8.87
C ASP A 31 5.94 9.26 8.38
N THR A 32 5.47 8.45 7.44
CA THR A 32 4.11 8.61 6.93
C THR A 32 3.12 7.65 7.56
N SER A 33 3.57 6.81 8.49
CA SER A 33 2.68 5.78 9.04
C SER A 33 1.43 6.39 9.69
N ASN A 34 0.35 5.60 9.76
CA ASN A 34 -0.95 6.11 10.16
C ASN A 34 -1.13 6.20 11.69
N GLU A 35 -2.33 6.60 12.11
CA GLU A 35 -2.61 6.87 13.51
C GLU A 35 -2.37 5.66 14.43
N ALA A 36 -2.63 4.45 13.91
CA ALA A 36 -2.45 3.20 14.68
C ALA A 36 -0.99 2.73 14.70
N GLU A 37 -0.23 3.18 13.71
CA GLU A 37 1.14 2.73 13.51
C GLU A 37 2.19 3.65 14.15
N LYS A 38 1.85 4.93 14.29
CA LYS A 38 2.87 5.95 14.51
C LYS A 38 3.58 5.90 15.88
N ALA A 39 2.90 5.42 16.89
CA ALA A 39 3.55 5.32 18.22
C ALA A 39 4.68 4.29 18.20
N THR A 40 4.42 3.16 17.54
CA THR A 40 5.40 2.10 17.33
C THR A 40 6.62 2.62 16.56
N TYR A 41 6.37 3.27 15.44
CA TYR A 41 7.46 3.79 14.62
C TYR A 41 8.23 4.89 15.33
N GLN A 42 7.55 5.75 16.08
CA GLN A 42 8.30 6.76 16.83
C GLN A 42 9.25 6.10 17.85
N ALA A 43 8.74 5.09 18.55
CA ALA A 43 9.56 4.36 19.54
C ALA A 43 10.77 3.66 18.91
N LEU A 44 10.54 3.00 17.77
CA LEU A 44 11.63 2.34 17.05
C LEU A 44 12.67 3.37 16.62
N ALA A 45 12.21 4.48 16.07
CA ALA A 45 13.13 5.53 15.60
C ALA A 45 13.98 6.02 16.77
N GLU A 46 13.35 6.27 17.90
CA GLU A 46 14.11 6.84 19.02
C GLU A 46 15.03 5.82 19.68
N GLY A 47 14.73 4.55 19.47
CA GLY A 47 15.57 3.44 19.94
C GLY A 47 16.97 3.47 19.35
N PHE A 48 17.12 4.15 18.21
CA PHE A 48 18.44 4.35 17.63
C PHE A 48 19.42 5.04 18.60
N GLU A 49 18.87 5.85 19.49
CA GLU A 49 19.68 6.59 20.47
C GLU A 49 20.23 5.71 21.59
N LYS A 50 19.65 4.53 21.80
CA LYS A 50 20.18 3.58 22.78
C LYS A 50 21.64 3.29 22.48
N GLU A 51 21.91 2.93 21.23
CA GLU A 51 23.27 2.57 20.81
C GLU A 51 24.09 3.79 20.39
N HIS A 52 23.42 4.89 20.04
CA HIS A 52 24.11 6.12 19.61
C HIS A 52 23.59 7.34 20.38
N PRO A 53 23.96 7.45 21.68
CA PRO A 53 23.41 8.49 22.54
C PRO A 53 23.76 9.93 22.14
N LYS A 54 24.79 10.13 21.31
CA LYS A 54 25.16 11.48 20.81
C LYS A 54 24.34 11.90 19.57
N VAL A 55 23.52 10.99 19.05
CA VAL A 55 22.61 11.31 17.96
C VAL A 55 21.25 11.73 18.52
N ASP A 56 20.70 12.84 18.05
CA ASP A 56 19.34 13.28 18.39
C ASP A 56 18.41 12.95 17.24
N VAL A 57 17.54 11.96 17.47
CA VAL A 57 16.53 11.58 16.49
C VAL A 57 15.32 12.51 16.64
N LYS A 58 15.00 13.22 15.57
CA LYS A 58 13.83 14.09 15.59
C LYS A 58 12.79 13.43 14.70
N TYR A 59 11.82 12.79 15.36
CA TYR A 59 10.74 12.08 14.65
C TYR A 59 9.65 13.08 14.24
N VAL A 60 9.20 13.00 12.99
CA VAL A 60 8.06 13.83 12.55
C VAL A 60 7.10 12.91 11.79
N ASN A 61 5.82 12.96 12.17
CA ASN A 61 4.79 12.26 11.39
C ASN A 61 4.23 13.21 10.35
N VAL A 62 4.22 12.77 9.10
CA VAL A 62 3.71 13.56 7.98
C VAL A 62 2.62 12.73 7.32
N PRO A 63 1.36 13.23 7.27
CA PRO A 63 0.25 12.50 6.66
C PRO A 63 0.60 11.96 5.29
N PHE A 64 0.20 10.72 5.02
CA PHE A 64 0.46 10.09 3.73
C PHE A 64 0.16 11.01 2.52
N GLY A 65 -1.01 11.64 2.53
CA GLY A 65 -1.49 12.43 1.36
C GLY A 65 -0.70 13.68 1.06
N GLU A 66 0.01 14.18 2.08
CA GLU A 66 0.80 15.40 2.00
C GLU A 66 2.30 15.14 1.79
N ALA A 67 2.76 13.91 2.08
CA ALA A 67 4.19 13.67 2.27
C ALA A 67 5.04 13.80 0.99
N ASN A 68 4.54 13.30 -0.14
CA ASN A 68 5.28 13.43 -1.41
C ASN A 68 5.53 14.91 -1.75
N ALA A 69 4.46 15.71 -1.75
CA ALA A 69 4.57 17.14 -2.02
C ALA A 69 5.39 17.86 -0.96
N LYS A 70 5.22 17.48 0.30
CA LYS A 70 5.98 18.14 1.38
C LYS A 70 7.49 17.90 1.19
N PHE A 71 7.84 16.67 0.82
CA PHE A 71 9.25 16.36 0.64
C PHE A 71 9.84 17.09 -0.56
N LYS A 72 9.12 17.08 -1.69
CA LYS A 72 9.59 17.81 -2.88
C LYS A 72 9.72 19.31 -2.63
N ASN A 73 8.77 19.90 -1.90
CA ASN A 73 8.85 21.31 -1.57
C ASN A 73 10.12 21.63 -0.81
N ALA A 74 10.38 20.86 0.25
CA ALA A 74 11.54 21.11 1.12
C ALA A 74 12.86 20.82 0.41
N ALA A 75 12.90 19.72 -0.36
CA ALA A 75 14.13 19.30 -1.05
C ALA A 75 14.47 20.24 -2.20
N GLY A 76 13.43 20.68 -2.92
CA GLY A 76 13.59 21.59 -4.04
C GLY A 76 14.06 22.96 -3.60
N GLY A 77 13.69 23.35 -2.40
CA GLY A 77 14.14 24.61 -1.84
C GLY A 77 15.25 24.50 -0.82
N ASN A 78 15.68 23.28 -0.60
CA ASN A 78 16.72 22.96 0.36
C ASN A 78 16.43 23.61 1.68
N SER A 79 15.23 23.42 2.18
CA SER A 79 14.90 24.08 3.38
C SER A 79 13.96 23.24 4.25
N GLY A 80 14.50 22.77 5.34
CA GLY A 80 13.77 21.99 6.32
C GLY A 80 13.41 20.62 5.80
N ALA A 81 14.25 20.06 4.93
CA ALA A 81 14.07 18.69 4.45
C ALA A 81 14.55 17.69 5.51
N PRO A 82 13.91 16.51 5.58
CA PRO A 82 14.34 15.52 6.56
C PRO A 82 15.64 14.89 6.12
N ASP A 83 16.39 14.35 7.07
CA ASP A 83 17.54 13.52 6.75
C ASP A 83 17.13 12.17 6.16
N VAL A 84 16.11 11.56 6.76
CA VAL A 84 15.63 10.25 6.34
C VAL A 84 14.13 10.34 6.08
N MET A 85 13.71 9.79 4.94
CA MET A 85 12.30 9.86 4.49
C MET A 85 11.74 8.45 4.33
N ARG A 86 10.57 8.18 4.96
CA ARG A 86 9.83 6.96 4.63
C ARG A 86 9.26 7.16 3.24
N THR A 87 9.70 6.30 2.32
CA THR A 87 9.51 6.53 0.89
C THR A 87 8.67 5.41 0.28
N GLU A 88 7.49 5.76 -0.22
CA GLU A 88 6.57 4.77 -0.81
C GLU A 88 7.28 4.15 -2.02
N VAL A 89 6.96 2.90 -2.34
CA VAL A 89 7.66 2.21 -3.43
C VAL A 89 7.74 3.01 -4.74
N ALA A 90 6.67 3.71 -5.10
CA ALA A 90 6.62 4.48 -6.34
C ALA A 90 7.38 5.81 -6.28
N TRP A 91 7.65 6.28 -5.06
CA TRP A 91 8.32 7.56 -4.88
C TRP A 91 9.82 7.48 -5.08
N VAL A 92 10.40 6.29 -4.99
CA VAL A 92 11.86 6.22 -5.04
C VAL A 92 12.35 6.75 -6.39
N ALA A 93 11.79 6.23 -7.47
CA ALA A 93 12.16 6.68 -8.82
C ALA A 93 11.73 8.14 -9.05
N ASP A 94 10.56 8.51 -8.52
CA ASP A 94 10.06 9.90 -8.48
C ASP A 94 11.21 10.78 -7.98
N PHE A 95 11.55 10.63 -6.69
CA PHE A 95 12.52 11.49 -6.01
C PHE A 95 13.92 11.39 -6.61
N ALA A 96 14.35 10.17 -6.94
CA ALA A 96 15.70 9.92 -7.46
C ALA A 96 15.96 10.63 -8.79
N SER A 97 14.96 10.61 -9.67
CA SER A 97 15.08 11.17 -11.03
C SER A 97 15.30 12.68 -11.02
N ILE A 98 14.89 13.31 -9.92
CA ILE A 98 15.04 14.77 -9.80
C ILE A 98 16.13 15.19 -8.82
N GLY A 99 16.91 14.21 -8.34
CA GLY A 99 18.17 14.45 -7.61
C GLY A 99 18.08 14.62 -6.10
N TYR A 100 16.93 14.22 -5.53
CA TYR A 100 16.64 14.49 -4.13
C TYR A 100 17.15 13.42 -3.16
N LEU A 101 17.59 12.28 -3.71
CA LEU A 101 18.04 11.17 -2.88
C LEU A 101 19.51 10.84 -3.00
N ALA A 102 20.13 10.60 -1.85
CA ALA A 102 21.52 10.16 -1.82
C ALA A 102 21.63 8.74 -2.36
N PRO A 103 22.56 8.50 -3.28
CA PRO A 103 22.80 7.12 -3.67
C PRO A 103 23.40 6.36 -2.49
N LEU A 104 23.02 5.10 -2.33
CA LEU A 104 23.41 4.34 -1.14
C LEU A 104 24.45 3.24 -1.37
N ASP A 105 24.72 2.90 -2.63
CA ASP A 105 25.74 1.91 -2.97
C ASP A 105 27.09 2.30 -2.36
N GLY A 106 27.72 1.35 -1.67
CA GLY A 106 29.01 1.57 -1.03
C GLY A 106 28.95 2.32 0.31
N THR A 107 27.74 2.54 0.80
CA THR A 107 27.56 3.21 2.09
C THR A 107 27.17 2.18 3.17
N PRO A 108 27.34 2.55 4.46
CA PRO A 108 26.91 1.66 5.56
C PRO A 108 25.38 1.44 5.63
N ALA A 109 24.60 2.19 4.85
CA ALA A 109 23.14 2.01 4.82
C ALA A 109 22.72 0.63 4.29
N LEU A 110 23.56 0.03 3.45
CA LEU A 110 23.28 -1.28 2.89
C LEU A 110 24.05 -2.33 3.67
N ASP A 111 23.30 -3.22 4.33
CA ASP A 111 23.86 -4.33 5.08
C ASP A 111 22.98 -5.53 4.82
N ASP A 112 23.60 -6.65 4.48
CA ASP A 112 22.90 -7.88 4.12
C ASP A 112 21.73 -7.56 3.19
N GLY A 113 22.05 -7.00 2.02
CA GLY A 113 21.05 -6.60 1.03
C GLY A 113 20.29 -7.76 0.43
N SER A 114 21.00 -8.88 0.20
CA SER A 114 20.44 -10.07 -0.47
C SER A 114 19.24 -10.70 0.28
N ASP A 115 19.15 -10.40 1.58
CA ASP A 115 18.08 -10.87 2.46
C ASP A 115 16.70 -10.39 2.01
N HIS A 116 16.63 -9.23 1.36
CA HIS A 116 15.35 -8.65 0.97
C HIS A 116 14.72 -9.40 -0.20
N LEU A 117 13.39 -9.55 -0.15
CA LEU A 117 12.60 -10.02 -1.28
C LEU A 117 12.96 -9.24 -2.55
N PRO A 118 13.27 -9.95 -3.66
CA PRO A 118 13.63 -9.33 -4.94
C PRO A 118 12.66 -8.24 -5.44
N GLN A 119 11.35 -8.45 -5.30
CA GLN A 119 10.38 -7.46 -5.78
C GLN A 119 10.38 -6.21 -4.91
N ALA A 120 10.85 -6.39 -3.68
CA ALA A 120 11.07 -5.26 -2.78
C ALA A 120 12.33 -4.52 -3.24
N ALA A 121 13.35 -5.27 -3.62
CA ALA A 121 14.62 -4.66 -4.03
C ALA A 121 14.49 -3.83 -5.32
N ALA A 122 13.65 -4.27 -6.25
CA ALA A 122 13.46 -3.56 -7.52
C ALA A 122 12.97 -2.11 -7.34
N SER A 123 12.12 -1.90 -6.33
CA SER A 123 11.56 -0.59 -6.07
C SER A 123 12.58 0.41 -5.51
N THR A 124 13.75 -0.09 -5.09
CA THR A 124 14.81 0.76 -4.52
C THR A 124 15.78 1.27 -5.58
N ARG A 125 15.64 0.77 -6.80
CA ARG A 125 16.62 0.98 -7.87
C ARG A 125 16.16 2.01 -8.89
N TYR A 126 17.10 2.84 -9.33
CA TYR A 126 16.84 3.79 -10.40
C TYR A 126 18.12 4.00 -11.21
N GLU A 127 18.02 3.72 -12.50
CA GLU A 127 19.16 3.87 -13.44
C GLU A 127 20.47 3.28 -12.91
N GLY A 128 20.38 2.04 -12.43
CA GLY A 128 21.55 1.24 -12.05
C GLY A 128 22.17 1.59 -10.71
N LYS A 129 21.44 2.36 -9.91
CA LYS A 129 21.91 2.76 -8.58
C LYS A 129 20.82 2.53 -7.52
N THR A 130 21.25 2.34 -6.27
CA THR A 130 20.34 2.07 -5.14
C THR A 130 20.06 3.36 -4.38
N TYR A 131 18.77 3.73 -4.29
CA TYR A 131 18.39 4.99 -3.64
C TYR A 131 17.52 4.79 -2.40
N ALA A 132 17.32 3.54 -1.98
CA ALA A 132 16.49 3.27 -0.82
C ALA A 132 16.78 1.88 -0.28
N VAL A 133 16.31 1.60 0.94
CA VAL A 133 16.39 0.25 1.53
C VAL A 133 14.95 -0.21 1.82
N PRO A 134 14.62 -1.46 1.56
CA PRO A 134 13.25 -1.86 1.82
C PRO A 134 12.88 -1.86 3.29
N GLN A 135 11.63 -1.52 3.60
CA GLN A 135 11.15 -1.48 4.95
C GLN A 135 9.99 -2.46 5.14
N VAL A 136 8.88 -2.20 4.49
CA VAL A 136 7.75 -3.12 4.51
C VAL A 136 7.21 -3.40 3.08
N ILE A 137 6.62 -4.55 2.90
CA ILE A 137 5.96 -4.88 1.63
C ILE A 137 4.51 -5.19 1.94
N ASP A 138 3.62 -4.89 1.01
CA ASP A 138 2.21 -5.16 1.26
C ASP A 138 1.42 -5.40 -0.01
N THR A 139 0.16 -5.75 0.19
CA THR A 139 -0.80 -5.92 -0.92
C THR A 139 -2.20 -5.70 -0.35
N LEU A 140 -3.21 -5.73 -1.21
CA LEU A 140 -4.62 -5.65 -0.76
C LEU A 140 -5.20 -7.03 -0.58
N ALA A 141 -6.15 -7.15 0.34
CA ALA A 141 -6.85 -8.42 0.64
C ALA A 141 -8.27 -8.12 1.07
N LEU A 142 -9.11 -9.16 1.07
CA LEU A 142 -10.49 -9.06 1.55
C LEU A 142 -10.55 -9.35 3.05
N PHE A 143 -10.77 -8.29 3.83
CA PHE A 143 -11.11 -8.46 5.23
C PHE A 143 -12.59 -8.70 5.43
N TYR A 144 -12.89 -9.55 6.41
CA TYR A 144 -14.27 -9.88 6.67
C TYR A 144 -14.57 -10.09 8.14
N ASN A 145 -15.84 -9.88 8.46
CA ASN A 145 -16.33 -10.00 9.82
C ASN A 145 -16.86 -11.41 9.94
N LYS A 146 -16.13 -12.26 10.67
CA LYS A 146 -16.47 -13.68 10.75
C LYS A 146 -17.88 -13.92 11.30
N GLU A 147 -18.22 -13.24 12.40
CA GLU A 147 -19.52 -13.43 13.04
C GLU A 147 -20.68 -13.01 12.12
N LEU A 148 -20.52 -11.93 11.33
CA LEU A 148 -21.56 -11.55 10.38
C LEU A 148 -21.74 -12.57 9.29
N LEU A 149 -20.64 -13.04 8.71
CA LEU A 149 -20.77 -14.03 7.65
C LEU A 149 -21.46 -15.30 8.17
N THR A 150 -21.10 -15.72 9.39
CA THR A 150 -21.69 -16.91 10.01
C THR A 150 -23.18 -16.68 10.25
N LYS A 151 -23.53 -15.51 10.79
CA LYS A 151 -24.95 -15.19 11.01
C LYS A 151 -25.75 -15.10 9.73
N ALA A 152 -25.10 -14.66 8.65
CA ALA A 152 -25.72 -14.63 7.33
C ALA A 152 -25.78 -16.00 6.65
N GLY A 153 -25.10 -16.99 7.24
CA GLY A 153 -25.00 -18.32 6.66
C GLY A 153 -24.25 -18.39 5.34
N VAL A 154 -23.25 -17.52 5.16
CA VAL A 154 -22.50 -17.49 3.91
C VAL A 154 -21.02 -17.80 4.12
N GLU A 155 -20.38 -18.26 3.05
CA GLU A 155 -18.95 -18.51 2.99
C GLU A 155 -18.21 -17.25 2.48
N VAL A 156 -16.94 -17.09 2.87
CA VAL A 156 -16.15 -15.97 2.33
C VAL A 156 -16.14 -16.09 0.79
N PRO A 157 -16.53 -15.03 0.06
CA PRO A 157 -16.62 -15.17 -1.40
C PRO A 157 -15.26 -15.19 -2.11
N GLY A 158 -15.12 -16.11 -3.07
CA GLY A 158 -13.87 -16.20 -3.85
C GLY A 158 -13.82 -15.36 -5.11
N SER A 159 -15.00 -14.97 -5.58
CA SER A 159 -15.15 -14.18 -6.81
C SER A 159 -16.14 -13.05 -6.61
N VAL A 160 -16.18 -12.12 -7.56
CA VAL A 160 -17.19 -11.03 -7.60
C VAL A 160 -18.60 -11.60 -7.67
N ALA A 161 -18.78 -12.61 -8.51
CA ALA A 161 -20.08 -13.29 -8.61
C ALA A 161 -20.56 -13.82 -7.26
N GLU A 162 -19.63 -14.49 -6.55
CA GLU A 162 -19.81 -15.05 -5.20
C GLU A 162 -19.94 -14.00 -4.08
N LEU A 163 -19.40 -12.81 -4.33
CA LEU A 163 -19.56 -11.67 -3.44
C LEU A 163 -20.95 -11.07 -3.57
N LYS A 164 -21.44 -10.95 -4.81
CA LYS A 164 -22.81 -10.44 -5.02
C LYS A 164 -23.85 -11.34 -4.33
N THR A 165 -23.75 -12.64 -4.55
CA THR A 165 -24.69 -13.57 -3.89
C THR A 165 -24.61 -13.46 -2.35
N ALA A 166 -23.37 -13.40 -1.82
CA ALA A 166 -23.17 -13.32 -0.39
C ALA A 166 -23.74 -12.02 0.16
N ALA A 167 -23.54 -10.92 -0.56
CA ALA A 167 -24.00 -9.62 -0.09
C ALA A 167 -25.52 -9.60 0.05
N ALA A 168 -26.22 -10.25 -0.88
CA ALA A 168 -27.68 -10.27 -0.87
C ALA A 168 -28.18 -10.99 0.38
N GLU A 169 -27.55 -12.13 0.70
CA GLU A 169 -27.89 -12.92 1.87
C GLU A 169 -27.57 -12.15 3.14
N ILE A 170 -26.44 -11.44 3.14
CA ILE A 170 -26.07 -10.62 4.31
C ILE A 170 -27.13 -9.53 4.58
N THR A 171 -27.56 -8.84 3.52
CA THR A 171 -28.57 -7.81 3.70
C THR A 171 -29.88 -8.44 4.15
N GLU A 172 -30.27 -9.53 3.50
CA GLU A 172 -31.54 -10.19 3.81
C GLU A 172 -31.62 -10.68 5.25
N LYS A 173 -30.53 -11.18 5.80
CA LYS A 173 -30.51 -11.88 7.09
C LYS A 173 -30.01 -11.04 8.27
N THR A 174 -29.18 -10.02 7.96
CA THR A 174 -28.51 -9.22 9.00
C THR A 174 -28.72 -7.72 8.89
N GLY A 175 -29.15 -7.26 7.72
CA GLY A 175 -29.35 -5.83 7.49
C GLY A 175 -28.07 -5.08 7.15
N ALA A 176 -26.91 -5.72 7.32
CA ALA A 176 -25.64 -5.11 6.91
C ALA A 176 -25.52 -5.10 5.38
N THR A 177 -24.64 -4.24 4.87
CA THR A 177 -24.27 -4.29 3.46
C THR A 177 -23.09 -5.24 3.29
N GLY A 178 -23.00 -5.93 2.15
CA GLY A 178 -21.91 -6.89 1.95
C GLY A 178 -20.52 -6.24 2.03
N LEU A 179 -20.30 -5.19 1.25
CA LEU A 179 -18.94 -4.66 1.03
C LEU A 179 -18.87 -3.14 1.15
N TYR A 180 -17.81 -2.63 1.78
CA TYR A 180 -17.47 -1.21 1.62
C TYR A 180 -16.47 -1.21 0.47
N LEU A 181 -16.83 -0.53 -0.63
CA LEU A 181 -15.99 -0.45 -1.83
C LEU A 181 -15.34 0.92 -1.80
N ARG A 182 -14.03 0.99 -1.58
CA ARG A 182 -13.45 2.33 -1.41
C ARG A 182 -13.48 3.03 -2.78
N GLY A 183 -14.08 4.22 -2.83
CA GLY A 183 -14.36 4.85 -4.14
C GLY A 183 -13.48 6.03 -4.48
N ASP A 184 -12.68 6.47 -3.52
CA ASP A 184 -11.88 7.67 -3.68
C ASP A 184 -10.37 7.48 -3.79
N ASP A 185 -9.90 6.23 -3.74
CA ASP A 185 -8.47 6.00 -3.86
C ASP A 185 -8.25 5.03 -5.05
N PRO A 186 -7.50 5.47 -6.07
CA PRO A 186 -7.34 4.71 -7.33
C PRO A 186 -6.65 3.34 -7.17
N TYR A 187 -5.89 3.15 -6.09
CA TYR A 187 -5.22 1.90 -5.89
C TYR A 187 -6.25 0.75 -5.81
N TRP A 188 -7.44 1.08 -5.30
CA TRP A 188 -8.49 0.07 -5.10
C TRP A 188 -9.13 -0.40 -6.43
N PHE A 189 -8.85 0.28 -7.52
CA PHE A 189 -9.28 -0.18 -8.84
C PHE A 189 -8.52 -1.42 -9.29
N LEU A 190 -7.26 -1.56 -8.84
CA LEU A 190 -6.38 -2.56 -9.43
C LEU A 190 -6.87 -4.02 -9.27
N PRO A 191 -7.32 -4.41 -8.06
CA PRO A 191 -7.88 -5.78 -7.96
C PRO A 191 -8.96 -6.06 -9.01
N TYR A 192 -9.84 -5.10 -9.29
CA TYR A 192 -10.90 -5.31 -10.27
C TYR A 192 -10.34 -5.42 -11.68
N LEU A 193 -9.36 -4.57 -12.00
CA LEU A 193 -8.67 -4.64 -13.29
C LEU A 193 -8.01 -5.98 -13.51
N TYR A 194 -7.24 -6.42 -12.53
CA TYR A 194 -6.56 -7.71 -12.63
C TYR A 194 -7.57 -8.85 -12.75
N GLY A 195 -8.67 -8.76 -11.98
CA GLY A 195 -9.70 -9.82 -11.98
C GLY A 195 -10.39 -9.93 -13.35
N GLU A 196 -10.44 -8.83 -14.12
CA GLU A 196 -11.01 -8.84 -15.47
C GLU A 196 -9.98 -9.16 -16.55
N GLY A 197 -8.74 -9.49 -16.13
CA GLY A 197 -7.70 -9.90 -17.09
C GLY A 197 -6.84 -8.77 -17.61
N GLY A 198 -6.83 -7.66 -16.88
CA GLY A 198 -6.16 -6.46 -17.39
C GLY A 198 -4.93 -6.04 -16.60
N ASP A 199 -4.28 -4.98 -17.07
CA ASP A 199 -3.14 -4.41 -16.37
C ASP A 199 -2.95 -2.99 -16.93
N LEU A 200 -2.21 -2.15 -16.20
CA LEU A 200 -2.03 -0.76 -16.62
C LEU A 200 -1.27 -0.62 -17.95
N VAL A 201 -0.08 -1.24 -18.00
CA VAL A 201 0.79 -1.21 -19.18
C VAL A 201 1.47 -2.56 -19.37
N ASP A 202 1.92 -2.78 -20.61
CA ASP A 202 2.89 -3.83 -20.91
C ASP A 202 4.25 -3.14 -20.95
N GLU A 203 5.01 -3.30 -19.86
CA GLU A 203 6.27 -2.61 -19.65
C GLU A 203 7.30 -3.04 -20.69
N LYS A 204 7.44 -4.36 -20.83
CA LYS A 204 8.42 -4.96 -21.77
C LYS A 204 8.23 -4.45 -23.19
N ASN A 205 6.97 -4.26 -23.57
CA ASN A 205 6.63 -3.81 -24.92
C ASN A 205 6.23 -2.35 -25.03
N LYS A 206 6.40 -1.60 -23.93
CA LYS A 206 6.04 -0.19 -23.86
C LYS A 206 4.69 0.13 -24.53
N THR A 207 3.63 -0.53 -24.04
CA THR A 207 2.30 -0.41 -24.64
C THR A 207 1.28 -0.18 -23.53
N VAL A 208 0.46 0.87 -23.67
CA VAL A 208 -0.64 1.11 -22.73
C VAL A 208 -1.75 0.07 -22.93
N THR A 209 -2.17 -0.56 -21.83
CA THR A 209 -3.15 -1.64 -21.92
C THR A 209 -4.39 -1.43 -21.04
N VAL A 210 -4.39 -0.36 -20.23
CA VAL A 210 -5.51 -0.10 -19.30
C VAL A 210 -6.85 0.10 -20.01
N ASP A 211 -6.81 0.48 -21.29
CA ASP A 211 -8.00 0.73 -22.08
C ASP A 211 -8.43 -0.43 -23.00
N ASP A 212 -7.77 -1.58 -22.85
CA ASP A 212 -8.27 -2.85 -23.39
C ASP A 212 -9.64 -3.15 -22.75
N GLU A 213 -10.37 -4.12 -23.30
CA GLU A 213 -11.71 -4.43 -22.79
C GLU A 213 -11.72 -4.77 -21.29
N ALA A 214 -10.63 -5.32 -20.76
CA ALA A 214 -10.57 -5.63 -19.32
C ALA A 214 -10.80 -4.35 -18.51
N GLY A 215 -10.31 -3.21 -19.01
CA GLY A 215 -10.49 -1.93 -18.29
C GLY A 215 -11.95 -1.50 -18.26
N VAL A 216 -12.63 -1.69 -19.37
CA VAL A 216 -14.06 -1.41 -19.48
C VAL A 216 -14.82 -2.29 -18.47
N ARG A 217 -14.53 -3.59 -18.54
CA ARG A 217 -15.17 -4.53 -17.62
C ARG A 217 -14.95 -4.17 -16.16
N ALA A 218 -13.74 -3.74 -15.81
CA ALA A 218 -13.40 -3.44 -14.41
C ALA A 218 -14.21 -2.21 -13.93
N TYR A 219 -14.31 -1.17 -14.77
CA TYR A 219 -15.16 -0.04 -14.37
C TYR A 219 -16.62 -0.45 -14.23
N ARG A 220 -17.09 -1.35 -15.10
CA ARG A 220 -18.48 -1.81 -15.07
C ARG A 220 -18.76 -2.62 -13.80
N VAL A 221 -17.78 -3.43 -13.40
CA VAL A 221 -17.93 -4.26 -12.20
C VAL A 221 -18.14 -3.38 -10.96
N ILE A 222 -17.29 -2.37 -10.79
CA ILE A 222 -17.39 -1.53 -9.61
C ILE A 222 -18.73 -0.78 -9.55
N LYS A 223 -19.19 -0.30 -10.70
CA LYS A 223 -20.47 0.40 -10.75
C LYS A 223 -21.61 -0.57 -10.40
N ASP A 224 -21.54 -1.80 -10.91
CA ASP A 224 -22.59 -2.77 -10.64
C ASP A 224 -22.63 -3.15 -9.15
N LEU A 225 -21.45 -3.23 -8.53
CA LEU A 225 -21.43 -3.58 -7.10
C LEU A 225 -22.18 -2.55 -6.26
N VAL A 226 -22.00 -1.27 -6.59
CA VAL A 226 -22.67 -0.22 -5.84
C VAL A 226 -24.14 -0.12 -6.25
N ASP A 227 -24.41 -0.11 -7.56
CA ASP A 227 -25.81 0.02 -8.00
C ASP A 227 -26.72 -1.10 -7.46
N SER A 228 -26.19 -2.31 -7.41
CA SER A 228 -26.93 -3.49 -6.94
C SER A 228 -27.07 -3.56 -5.42
N LYS A 229 -26.43 -2.61 -4.73
CA LYS A 229 -26.43 -2.51 -3.26
C LYS A 229 -25.64 -3.65 -2.57
N ALA A 230 -24.87 -4.42 -3.36
CA ALA A 230 -23.86 -5.32 -2.75
C ALA A 230 -22.79 -4.53 -2.00
N ALA A 231 -22.57 -3.29 -2.42
CA ALA A 231 -21.51 -2.45 -1.83
C ALA A 231 -22.00 -1.02 -1.63
N ILE A 232 -21.42 -0.35 -0.65
CA ILE A 232 -21.55 1.10 -0.50
C ILE A 232 -20.20 1.75 -0.72
N THR A 233 -20.23 3.06 -1.04
CA THR A 233 -19.04 3.82 -1.24
C THR A 233 -19.25 5.29 -0.85
N ASP A 234 -18.17 6.05 -0.93
CA ASP A 234 -18.19 7.51 -0.70
C ASP A 234 -17.19 8.19 -1.59
N ALA A 235 -17.53 9.40 -2.04
CA ALA A 235 -16.63 10.12 -2.95
C ALA A 235 -15.50 10.86 -2.23
N SER A 236 -15.60 10.99 -0.90
CA SER A 236 -14.56 11.65 -0.12
C SER A 236 -14.38 10.95 1.23
N ASP A 237 -13.30 11.29 1.92
CA ASP A 237 -13.02 10.79 3.28
C ASP A 237 -13.06 9.25 3.31
N GLY A 238 -12.51 8.63 2.28
CA GLY A 238 -12.72 7.21 2.04
C GLY A 238 -12.09 6.31 3.08
N TRP A 239 -10.92 6.72 3.59
CA TRP A 239 -10.24 5.89 4.61
C TRP A 239 -11.09 5.83 5.87
N ASN A 240 -11.47 6.99 6.41
CA ASN A 240 -12.31 7.02 7.61
C ASN A 240 -13.68 6.37 7.38
N ASN A 241 -14.31 6.64 6.25
CA ASN A 241 -15.60 6.04 5.96
C ASN A 241 -15.54 4.50 5.90
N MET A 242 -14.49 3.99 5.28
CA MET A 242 -14.27 2.53 5.17
C MET A 242 -14.07 1.92 6.54
N GLN A 243 -13.13 2.50 7.30
CA GLN A 243 -12.82 1.95 8.63
C GLN A 243 -14.05 2.02 9.54
N ASN A 244 -14.76 3.14 9.48
CA ASN A 244 -15.95 3.31 10.32
C ASN A 244 -17.02 2.31 9.94
N ALA A 245 -17.20 2.09 8.63
CA ALA A 245 -18.26 1.19 8.19
C ALA A 245 -17.94 -0.25 8.59
N PHE A 246 -16.70 -0.64 8.45
CA PHE A 246 -16.26 -2.00 8.83
C PHE A 246 -16.29 -2.21 10.35
N LYS A 247 -15.72 -1.26 11.09
CA LYS A 247 -15.68 -1.39 12.54
C LYS A 247 -17.08 -1.33 13.22
N SER A 248 -18.02 -0.59 12.62
CA SER A 248 -19.37 -0.46 13.15
C SER A 248 -20.30 -1.57 12.72
N GLY A 249 -19.84 -2.46 11.83
CA GLY A 249 -20.68 -3.55 11.36
C GLY A 249 -21.71 -3.13 10.33
N LYS A 250 -21.56 -1.92 9.78
CA LYS A 250 -22.40 -1.47 8.67
C LYS A 250 -22.17 -2.30 7.42
N VAL A 251 -20.92 -2.75 7.25
CA VAL A 251 -20.59 -3.69 6.18
C VAL A 251 -19.95 -4.95 6.75
N ALA A 252 -20.03 -6.05 6.01
CA ALA A 252 -19.41 -7.32 6.38
C ALA A 252 -17.96 -7.48 5.89
N MET A 253 -17.61 -6.73 4.87
CA MET A 253 -16.32 -6.88 4.19
C MET A 253 -15.75 -5.55 3.73
N MET A 254 -14.43 -5.50 3.61
CA MET A 254 -13.74 -4.38 2.95
C MET A 254 -12.48 -4.91 2.30
N VAL A 255 -11.97 -4.18 1.32
CA VAL A 255 -10.66 -4.49 0.78
C VAL A 255 -9.68 -3.53 1.46
N ASN A 256 -8.63 -4.08 2.03
CA ASN A 256 -7.65 -3.25 2.73
C ASN A 256 -6.31 -3.95 2.84
N GLY A 257 -5.36 -3.29 3.49
CA GLY A 257 -4.02 -3.89 3.65
C GLY A 257 -3.56 -4.04 5.10
N PRO A 258 -2.32 -4.53 5.30
CA PRO A 258 -1.81 -4.79 6.66
C PRO A 258 -1.76 -3.56 7.55
N TRP A 259 -1.63 -2.37 6.94
CA TRP A 259 -1.66 -1.09 7.66
C TRP A 259 -3.01 -0.82 8.36
N ALA A 260 -4.01 -1.66 8.07
CA ALA A 260 -5.32 -1.52 8.69
C ALA A 260 -5.56 -2.44 9.89
N ILE A 261 -4.70 -3.46 10.05
CA ILE A 261 -4.93 -4.54 11.04
C ILE A 261 -5.07 -3.96 12.45
N GLU A 262 -4.06 -3.22 12.92
CA GLU A 262 -4.14 -2.73 14.30
C GLU A 262 -5.26 -1.70 14.50
N ASP A 263 -5.50 -0.87 13.48
CA ASP A 263 -6.63 0.05 13.53
C ASP A 263 -7.95 -0.70 13.72
N VAL A 264 -8.14 -1.76 12.95
CA VAL A 264 -9.37 -2.55 13.06
C VAL A 264 -9.49 -3.16 14.46
N LYS A 265 -8.40 -3.73 14.94
CA LYS A 265 -8.37 -4.43 16.26
C LYS A 265 -8.59 -3.49 17.46
N ALA A 266 -8.52 -2.18 17.22
CA ALA A 266 -8.83 -1.21 18.28
C ALA A 266 -10.36 -1.17 18.53
N GLY A 267 -11.13 -1.63 17.55
CA GLY A 267 -12.58 -1.59 17.64
C GLY A 267 -13.15 -2.71 18.49
N ALA A 268 -14.21 -2.38 19.22
CA ALA A 268 -14.95 -3.38 20.05
C ALA A 268 -15.31 -4.66 19.29
N ARG A 269 -15.58 -4.53 17.99
CA ARG A 269 -15.99 -5.66 17.20
C ARG A 269 -14.85 -6.63 16.88
N PHE A 270 -13.60 -6.20 17.06
CA PHE A 270 -12.46 -6.97 16.56
C PHE A 270 -11.30 -7.11 17.55
N LYS A 271 -11.60 -6.92 18.82
CA LYS A 271 -10.62 -7.08 19.85
C LYS A 271 -10.19 -8.49 19.86
N ASP A 272 -11.18 -9.33 19.73
CA ASP A 272 -10.97 -10.75 19.66
C ASP A 272 -10.52 -10.78 18.24
N ALA A 273 -9.21 -10.85 18.13
CA ALA A 273 -8.48 -10.63 16.92
C ALA A 273 -9.09 -11.70 16.04
N GLY A 274 -9.55 -12.74 16.69
CA GLY A 274 -10.19 -13.90 16.15
C GLY A 274 -11.42 -13.63 15.28
N ASN A 275 -12.11 -12.53 15.49
CA ASN A 275 -13.30 -12.19 14.69
C ASN A 275 -12.96 -11.54 13.35
N LEU A 276 -11.69 -11.21 13.17
CA LEU A 276 -11.19 -10.60 11.94
C LEU A 276 -10.72 -11.69 10.97
N GLY A 277 -11.49 -11.91 9.91
CA GLY A 277 -11.09 -12.79 8.83
C GLY A 277 -10.33 -12.02 7.74
N VAL A 278 -9.43 -12.72 7.08
CA VAL A 278 -8.78 -12.19 5.87
C VAL A 278 -8.63 -13.29 4.82
N ALA A 279 -8.82 -12.90 3.56
CA ALA A 279 -8.81 -13.82 2.41
C ALA A 279 -8.30 -13.04 1.18
N PRO A 280 -8.02 -13.73 0.07
CA PRO A 280 -7.63 -12.94 -1.12
C PRO A 280 -8.74 -12.02 -1.64
N VAL A 281 -8.35 -10.93 -2.29
CA VAL A 281 -9.35 -10.16 -3.02
C VAL A 281 -10.06 -11.09 -4.03
N PRO A 282 -11.35 -10.83 -4.27
CA PRO A 282 -12.13 -11.75 -5.14
C PRO A 282 -11.63 -11.78 -6.59
N ALA A 283 -11.71 -12.96 -7.19
CA ALA A 283 -11.48 -13.13 -8.61
C ALA A 283 -12.56 -12.35 -9.39
N GLY A 284 -12.22 -11.93 -10.61
CA GLY A 284 -13.23 -11.43 -11.56
C GLY A 284 -13.51 -12.48 -12.64
N SER A 285 -13.98 -12.00 -13.79
CA SER A 285 -14.43 -12.94 -14.82
C SER A 285 -13.28 -13.67 -15.51
N ALA A 286 -12.05 -13.17 -15.36
CA ALA A 286 -10.91 -13.72 -16.08
C ALA A 286 -9.87 -14.38 -15.19
N GLY A 287 -9.78 -13.95 -13.94
CA GLY A 287 -8.69 -14.42 -13.07
C GLY A 287 -8.71 -13.59 -11.83
N GLN A 288 -7.55 -13.44 -11.19
CA GLN A 288 -7.50 -12.77 -9.88
C GLN A 288 -6.12 -12.13 -9.70
N GLY A 289 -6.08 -11.02 -8.97
CA GLY A 289 -4.79 -10.40 -8.68
C GLY A 289 -4.94 -9.26 -7.70
N SER A 290 -3.83 -8.96 -7.01
CA SER A 290 -3.75 -7.81 -6.10
C SER A 290 -2.39 -7.09 -6.30
N PRO A 291 -2.36 -5.76 -6.18
CA PRO A 291 -1.11 -4.99 -6.41
C PRO A 291 -0.07 -5.13 -5.29
N GLN A 292 1.18 -4.98 -5.66
CA GLN A 292 2.28 -4.91 -4.69
C GLN A 292 2.53 -3.44 -4.32
N GLY A 293 2.57 -3.16 -3.02
CA GLY A 293 2.93 -1.84 -2.54
C GLY A 293 3.94 -1.96 -1.42
N GLY A 294 4.09 -0.88 -0.67
CA GLY A 294 5.03 -0.88 0.44
C GLY A 294 5.81 0.41 0.61
N TRP A 295 6.78 0.32 1.50
CA TRP A 295 7.57 1.47 1.94
C TRP A 295 9.03 1.08 2.03
N ASN A 296 9.87 2.01 1.59
CA ASN A 296 11.33 1.95 1.68
C ASN A 296 11.83 3.10 2.54
N LEU A 297 13.14 3.14 2.80
CA LEU A 297 13.74 4.22 3.55
C LEU A 297 14.83 4.84 2.69
N SER A 298 14.77 6.17 2.54
CA SER A 298 15.73 6.93 1.72
C SER A 298 16.40 8.03 2.52
N VAL A 299 17.54 8.50 2.00
CA VAL A 299 18.30 9.59 2.63
C VAL A 299 18.27 10.80 1.70
N TYR A 300 17.93 11.96 2.25
CA TYR A 300 17.91 13.20 1.46
C TYR A 300 19.33 13.50 0.96
N ALA A 301 19.44 13.78 -0.33
CA ALA A 301 20.76 14.09 -0.95
C ALA A 301 21.51 15.22 -0.29
N GLY A 302 20.78 16.22 0.21
CA GLY A 302 21.39 17.37 0.86
C GLY A 302 21.52 17.31 2.37
N SER A 303 21.34 16.12 2.96
CA SER A 303 21.51 15.93 4.41
C SER A 303 22.86 16.43 4.90
N LYS A 304 22.85 17.07 6.05
CA LYS A 304 24.02 17.60 6.72
C LYS A 304 24.47 16.65 7.79
N ASN A 305 23.94 15.44 7.79
CA ASN A 305 24.38 14.42 8.71
C ASN A 305 24.33 13.06 8.06
N LEU A 306 25.08 12.90 6.99
CA LEU A 306 24.96 11.69 6.23
C LEU A 306 25.36 10.39 6.94
N ASP A 307 26.49 10.35 7.64
CA ASP A 307 26.90 9.11 8.32
C ASP A 307 25.83 8.64 9.28
N ALA A 308 25.36 9.56 10.13
CA ALA A 308 24.34 9.20 11.10
C ALA A 308 23.06 8.73 10.41
N SER A 309 22.73 9.32 9.26
CA SER A 309 21.54 8.93 8.48
C SER A 309 21.64 7.52 7.85
N TYR A 310 22.80 7.21 7.25
CA TYR A 310 23.04 5.88 6.68
C TYR A 310 22.87 4.82 7.78
N ALA A 311 23.46 5.10 8.94
CA ALA A 311 23.40 4.20 10.10
C ALA A 311 21.96 4.07 10.58
N PHE A 312 21.24 5.20 10.62
CA PHE A 312 19.83 5.20 10.98
C PHE A 312 19.00 4.30 10.03
N VAL A 313 19.26 4.42 8.73
CA VAL A 313 18.59 3.58 7.75
C VAL A 313 18.90 2.08 7.93
N LYS A 314 20.17 1.76 8.14
CA LYS A 314 20.60 0.37 8.42
C LYS A 314 19.88 -0.18 9.65
N TYR A 315 19.84 0.63 10.71
CA TYR A 315 19.15 0.26 11.95
C TYR A 315 17.65 0.04 11.71
N MET A 316 16.98 1.00 11.07
CA MET A 316 15.53 0.88 10.84
C MET A 316 15.15 -0.26 9.89
N SER A 317 16.09 -0.69 9.06
CA SER A 317 15.85 -1.81 8.14
C SER A 317 16.43 -3.14 8.61
N SER A 318 17.02 -3.16 9.80
CA SER A 318 17.65 -4.36 10.33
C SER A 318 16.60 -5.44 10.62
N ALA A 319 17.01 -6.71 10.57
CA ALA A 319 16.14 -7.81 10.95
C ALA A 319 15.46 -7.59 12.31
N LYS A 320 16.21 -7.10 13.30
CA LYS A 320 15.67 -6.87 14.64
C LYS A 320 14.48 -5.91 14.59
N VAL A 321 14.64 -4.80 13.87
CA VAL A 321 13.60 -3.78 13.82
C VAL A 321 12.39 -4.24 12.97
N GLN A 322 12.67 -4.94 11.88
CA GLN A 322 11.57 -5.51 11.07
C GLN A 322 10.73 -6.51 11.87
N GLN A 323 11.40 -7.31 12.69
CA GLN A 323 10.71 -8.28 13.54
C GLN A 323 9.85 -7.55 14.57
N GLN A 324 10.43 -6.57 15.26
CA GLN A 324 9.64 -5.78 16.20
C GLN A 324 8.40 -5.13 15.55
N THR A 325 8.55 -4.62 14.32
CA THR A 325 7.44 -3.99 13.61
C THR A 325 6.30 -4.99 13.42
N THR A 326 6.65 -6.20 13.00
CA THR A 326 5.67 -7.26 12.83
C THR A 326 4.98 -7.59 14.15
N GLU A 327 5.77 -7.68 15.22
CA GLU A 327 5.22 -8.05 16.54
C GLU A 327 4.21 -7.05 17.07
N LYS A 328 4.43 -5.78 16.79
CA LYS A 328 3.57 -4.73 17.30
C LYS A 328 2.46 -4.36 16.32
N LEU A 329 2.69 -4.59 15.03
CA LEU A 329 1.83 -4.01 14.00
C LEU A 329 1.31 -4.99 12.95
N SER A 330 1.93 -6.16 12.87
CA SER A 330 1.61 -7.17 11.82
C SER A 330 1.92 -6.68 10.39
N LEU A 331 2.80 -5.70 10.25
CA LEU A 331 3.29 -5.30 8.92
C LEU A 331 4.32 -6.30 8.43
N LEU A 332 4.39 -6.49 7.11
CA LEU A 332 5.21 -7.55 6.55
C LEU A 332 6.66 -7.15 6.34
N PRO A 333 7.60 -7.94 6.90
CA PRO A 333 9.02 -7.70 6.64
C PRO A 333 9.45 -7.86 5.19
N THR A 334 10.50 -7.14 4.82
CA THR A 334 11.07 -7.27 3.48
C THR A 334 12.21 -8.28 3.47
N ARG A 335 12.76 -8.57 4.66
CA ARG A 335 13.83 -9.54 4.85
C ARG A 335 13.34 -10.99 5.00
N THR A 336 13.85 -11.85 4.12
CA THR A 336 13.50 -13.27 4.09
C THR A 336 13.79 -13.94 5.43
N SER A 337 14.95 -13.64 5.99
CA SER A 337 15.37 -14.19 7.29
C SER A 337 14.34 -13.97 8.40
N VAL A 338 13.60 -12.87 8.34
CA VAL A 338 12.70 -12.49 9.43
C VAL A 338 11.47 -13.41 9.45
N TYR A 339 11.14 -13.95 8.27
CA TYR A 339 10.07 -14.91 8.15
C TYR A 339 10.39 -16.25 8.81
N GLU A 340 11.67 -16.48 9.08
CA GLU A 340 12.15 -17.73 9.70
C GLU A 340 12.21 -17.65 11.22
N VAL A 341 12.01 -16.44 11.74
CA VAL A 341 11.92 -16.21 13.17
C VAL A 341 10.56 -16.73 13.62
N PRO A 342 10.53 -17.72 14.55
CA PRO A 342 9.27 -18.32 14.96
C PRO A 342 8.16 -17.33 15.27
N SER A 343 8.49 -16.24 15.94
CA SER A 343 7.51 -15.18 16.23
C SER A 343 6.83 -14.55 14.96
N VAL A 344 7.59 -14.47 13.88
CA VAL A 344 7.05 -13.97 12.64
C VAL A 344 6.41 -15.12 11.86
N ALA A 345 7.11 -16.26 11.79
CA ALA A 345 6.68 -17.43 11.00
C ALA A 345 5.35 -18.00 11.48
N ASP A 346 5.06 -17.80 12.77
CA ASP A 346 3.81 -18.28 13.38
C ASP A 346 2.69 -17.22 13.51
N ASN A 347 2.89 -16.01 12.98
CA ASN A 347 1.87 -14.94 12.99
C ASN A 347 0.79 -15.16 11.91
N GLU A 348 -0.50 -15.19 12.29
CA GLU A 348 -1.59 -15.59 11.36
C GLU A 348 -1.93 -14.56 10.29
N MET A 349 -1.88 -13.27 10.64
CA MET A 349 -2.08 -12.25 9.60
C MET A 349 -0.93 -12.33 8.58
N VAL A 350 0.29 -12.49 9.09
CA VAL A 350 1.47 -12.75 8.27
C VAL A 350 1.39 -14.07 7.49
N LYS A 351 0.91 -15.13 8.12
CA LYS A 351 0.78 -16.40 7.42
C LYS A 351 -0.14 -16.29 6.19
N PHE A 352 -1.17 -15.44 6.27
CA PHE A 352 -2.00 -15.16 5.10
C PHE A 352 -1.33 -14.20 4.11
N PHE A 353 -0.85 -13.07 4.64
CA PHE A 353 -0.39 -11.99 3.75
C PHE A 353 0.89 -12.32 2.98
N LYS A 354 1.79 -13.12 3.55
CA LYS A 354 3.06 -13.35 2.88
C LYS A 354 2.87 -14.05 1.52
N PRO A 355 2.12 -15.18 1.48
CA PRO A 355 1.85 -15.79 0.17
C PRO A 355 1.12 -14.85 -0.81
N ALA A 356 0.22 -14.02 -0.29
CA ALA A 356 -0.50 -13.07 -1.13
C ALA A 356 0.47 -12.02 -1.71
N VAL A 357 1.41 -11.56 -0.90
CA VAL A 357 2.46 -10.70 -1.37
C VAL A 357 3.33 -11.39 -2.41
N ASP A 358 3.67 -12.67 -2.19
CA ASP A 358 4.46 -13.40 -3.19
C ASP A 358 3.82 -13.38 -4.59
N LYS A 359 2.49 -13.43 -4.62
CA LYS A 359 1.70 -13.41 -5.88
C LYS A 359 1.37 -12.02 -6.42
N ALA A 360 1.64 -10.98 -5.64
CA ALA A 360 1.17 -9.63 -5.98
C ALA A 360 1.76 -9.14 -7.29
N VAL A 361 0.98 -8.34 -8.02
CA VAL A 361 1.41 -7.83 -9.33
C VAL A 361 2.40 -6.66 -9.22
N GLU A 362 3.56 -6.76 -9.90
CA GLU A 362 4.52 -5.65 -9.89
C GLU A 362 4.10 -4.62 -10.94
N ARG A 363 4.63 -3.41 -10.80
CA ARG A 363 4.42 -2.31 -11.72
C ARG A 363 5.77 -1.87 -12.26
N PRO A 364 5.77 -1.06 -13.34
CA PRO A 364 7.04 -0.48 -13.78
C PRO A 364 7.54 0.49 -12.73
N TRP A 365 8.79 0.32 -12.31
CA TRP A 365 9.42 1.22 -11.35
C TRP A 365 10.07 2.39 -12.07
N ILE A 366 9.23 3.22 -12.68
CA ILE A 366 9.64 4.33 -13.54
C ILE A 366 9.32 5.66 -12.88
N ALA A 367 9.97 6.73 -13.36
CA ALA A 367 9.75 8.08 -12.83
C ALA A 367 8.28 8.53 -12.86
N GLU A 368 7.53 8.10 -13.86
CA GLU A 368 6.10 8.50 -14.00
C GLU A 368 5.13 7.45 -13.51
N GLY A 369 5.63 6.42 -12.82
CA GLY A 369 4.76 5.39 -12.30
C GLY A 369 3.75 5.92 -11.29
N ASN A 370 4.22 6.81 -10.42
CA ASN A 370 3.36 7.42 -9.39
C ASN A 370 2.15 8.19 -10.00
N ALA A 371 2.36 8.79 -11.17
CA ALA A 371 1.33 9.58 -11.85
C ALA A 371 0.33 8.74 -12.68
N LEU A 372 0.49 7.41 -12.67
CA LEU A 372 -0.47 6.52 -13.35
C LEU A 372 -1.79 6.43 -12.58
N PHE A 373 -1.76 6.86 -11.32
CA PHE A 373 -2.93 6.71 -10.46
C PHE A 373 -3.98 7.82 -10.59
N GLU A 374 -3.52 9.05 -10.84
CA GLU A 374 -4.47 10.15 -10.90
C GLU A 374 -5.56 9.94 -11.99
N PRO A 375 -5.15 9.49 -13.19
CA PRO A 375 -6.18 9.29 -14.23
C PRO A 375 -7.24 8.31 -13.77
N ILE A 376 -6.80 7.23 -13.12
CA ILE A 376 -7.76 6.28 -12.61
C ILE A 376 -8.70 6.96 -11.60
N ARG A 377 -8.16 7.80 -10.71
CA ARG A 377 -8.97 8.36 -9.63
C ARG A 377 -10.17 9.13 -10.20
N LEU A 378 -9.89 9.98 -11.19
CA LEU A 378 -10.93 10.77 -11.77
C LEU A 378 -12.00 9.94 -12.48
N GLN A 379 -11.56 8.97 -13.28
CA GLN A 379 -12.51 8.18 -14.07
C GLN A 379 -13.32 7.27 -13.16
N MET A 380 -12.68 6.71 -12.14
CA MET A 380 -13.38 5.83 -11.21
C MET A 380 -14.47 6.62 -10.45
N ALA A 381 -14.16 7.84 -10.02
CA ALA A 381 -15.15 8.67 -9.34
C ALA A 381 -16.35 8.93 -10.26
N ASN A 382 -16.08 9.30 -11.51
CA ASN A 382 -17.16 9.59 -12.43
C ASN A 382 -17.98 8.38 -12.88
N VAL A 383 -17.37 7.21 -12.87
CA VAL A 383 -18.11 5.99 -13.18
C VAL A 383 -19.05 5.72 -12.00
N LEU A 384 -18.54 5.86 -10.78
CA LEU A 384 -19.37 5.54 -9.60
C LEU A 384 -20.57 6.47 -9.45
N SER A 385 -20.42 7.73 -9.87
CA SER A 385 -21.50 8.72 -9.75
C SER A 385 -22.46 8.67 -10.95
N GLY A 386 -22.07 7.95 -11.98
CA GLY A 386 -22.86 7.83 -13.20
C GLY A 386 -22.63 8.93 -14.22
N GLU A 387 -21.61 9.77 -13.98
CA GLU A 387 -21.29 10.83 -14.95
C GLU A 387 -20.55 10.33 -16.21
N THR A 388 -19.89 9.18 -16.08
CA THR A 388 -19.07 8.61 -17.13
C THR A 388 -19.37 7.12 -17.28
N SER A 389 -19.57 6.68 -18.51
CA SER A 389 -19.71 5.23 -18.77
C SER A 389 -18.40 4.46 -18.58
N PRO A 390 -18.48 3.18 -18.20
CA PRO A 390 -17.28 2.31 -18.23
C PRO A 390 -16.46 2.39 -19.52
N ASP A 391 -17.14 2.42 -20.66
CA ASP A 391 -16.45 2.49 -21.92
C ASP A 391 -15.63 3.79 -22.06
N GLU A 392 -16.28 4.92 -21.79
CA GLU A 392 -15.57 6.20 -21.84
C GLU A 392 -14.45 6.28 -20.79
N ALA A 393 -14.70 5.76 -19.59
CA ALA A 393 -13.72 5.81 -18.51
C ALA A 393 -12.45 5.06 -18.90
N ALA A 394 -12.59 3.88 -19.51
CA ALA A 394 -11.41 3.12 -19.93
C ALA A 394 -10.62 3.89 -20.99
N ALA A 395 -11.31 4.42 -21.99
CA ALA A 395 -10.66 5.16 -23.08
C ALA A 395 -9.95 6.40 -22.52
N ASN A 396 -10.66 7.10 -21.62
CA ASN A 396 -10.08 8.29 -20.98
C ASN A 396 -8.80 7.97 -20.20
N THR A 397 -8.82 6.82 -19.50
CA THR A 397 -7.66 6.40 -18.71
C THR A 397 -6.47 6.11 -19.62
N GLY A 398 -6.70 5.36 -20.70
CA GLY A 398 -5.71 5.09 -21.72
C GLY A 398 -5.16 6.38 -22.32
N ASP A 399 -6.05 7.32 -22.66
CA ASP A 399 -5.63 8.61 -23.22
C ASP A 399 -4.69 9.32 -22.26
N ALA A 400 -5.01 9.31 -20.97
CA ALA A 400 -4.15 9.99 -19.99
C ALA A 400 -2.76 9.33 -19.91
N TYR A 401 -2.73 7.99 -19.94
CA TYR A 401 -1.44 7.27 -19.93
C TYR A 401 -0.55 7.59 -21.12
N ARG A 402 -1.13 7.65 -22.29
CA ARG A 402 -0.34 7.95 -23.50
C ARG A 402 0.26 9.35 -23.45
N LYS A 403 -0.46 10.26 -22.78
CA LYS A 403 0.05 11.63 -22.56
C LYS A 403 1.19 11.67 -21.56
N LEU A 404 1.11 10.83 -20.53
CA LEU A 404 2.12 10.72 -19.48
C LEU A 404 3.38 10.03 -19.94
N LEU A 405 3.20 9.02 -20.78
CA LEU A 405 4.27 8.11 -21.15
C LEU A 405 4.58 8.24 -22.65
N LYS A 406 5.41 9.24 -22.96
CA LYS A 406 5.72 9.61 -24.34
C LYS A 406 6.34 8.51 -25.22
N ASP A 407 7.06 7.58 -24.60
CA ASP A 407 7.63 6.45 -25.33
C ASP A 407 6.81 5.16 -25.19
N TYR A 408 5.54 5.30 -24.81
CA TYR A 408 4.58 4.21 -24.87
C TYR A 408 3.60 4.44 -26.04
N LYS A 409 3.18 3.35 -26.67
CA LYS A 409 2.12 3.39 -27.68
C LYS A 409 0.79 2.99 -27.05
C1A TXT B . -1.07 12.62 -4.53
C1B TXT B . 0.36 7.54 -5.93
C1C TXT B . -0.60 2.76 -3.46
C1D TXT B . -0.86 1.93 1.79
C1E TXT B . 0.15 5.06 5.99
O1E TXT B . 1.27 5.69 5.35
C2A TXT B . -0.03 13.51 -5.20
O2A TXT B . 1.02 12.81 -5.87
C2B TXT B . 1.51 8.54 -5.73
O2B TXT B . 2.56 7.91 -4.99
C2C TXT B . 0.49 2.85 -4.53
O2C TXT B . 1.54 1.89 -4.31
C2D TXT B . 0.22 1.17 1.03
O2D TXT B . 1.30 0.85 1.92
C2E TXT B . 0.41 3.57 6.03
O2E TXT B . 1.55 3.20 6.85
C3A TXT B . -0.96 14.19 -6.19
O3A TXT B . -0.21 14.74 -7.28
C3B TXT B . 1.19 9.98 -5.21
O3B TXT B . 1.83 10.39 -3.96
C3C TXT B . 0.99 4.28 -4.56
O3C TXT B . 2.15 4.32 -5.44
C3D TXT B . 0.72 1.98 -0.20
O3D TXT B . 1.65 1.19 -0.91
C3E TXT B . 0.61 3.01 4.61
O3E TXT B . 0.86 1.60 4.63
C4A TXT B . -1.81 15.21 -5.43
O4A TXT B . -2.88 15.71 -6.29
C4B TXT B . -0.29 10.38 -5.24
N4B TXT B . -0.62 11.29 -4.13
C4C TXT B . -0.16 5.27 -4.92
O4C TXT B . 0.20 6.67 -4.77
C4D TXT B . -0.52 2.38 -1.05
O4D TXT B . -0.06 3.18 -2.18
C4E TXT B . -0.59 3.37 3.74
O4E TXT B . -0.28 3.12 2.35
C5A TXT B . -2.37 14.61 -4.13
C5B TXT B . -1.31 9.23 -5.41
O5B TXT B . -0.83 8.24 -6.31
C5C TXT B . -1.37 5.03 -4.00
O5C TXT B . -1.68 3.63 -3.83
C5D TXT B . -1.56 3.09 -0.18
O5D TXT B . -1.93 2.30 0.95
C5E TXT B . -0.99 4.83 3.87
O5E TXT B . -1.06 5.31 5.23
C6A TXT B . -3.57 15.24 -3.47
O6A TXT B . -3.62 16.65 -3.73
C6B TXT B . -2.63 9.74 -6.00
C6C TXT B . -2.62 5.68 -4.57
O6C TXT B . -3.53 5.95 -3.54
C6D TXT B . -2.88 3.37 -0.89
O6D TXT B . -3.77 4.17 -0.12
C6E TXT B . -2.36 5.16 3.26
O6E TXT B . -3.40 4.44 3.96
C7A TXT B . -1.80 13.52 -3.56
S SO4 C . -15.37 1.16 18.36
O1 SO4 C . -14.40 2.26 18.38
O2 SO4 C . -16.71 1.75 18.59
O3 SO4 C . -15.27 0.48 17.03
O4 SO4 C . -14.96 0.20 19.42
#